data_6WHB
#
_entry.id   6WHB
#
_cell.length_a   71.817
_cell.length_b   71.817
_cell.length_c   259.561
_cell.angle_alpha   90.000
_cell.angle_beta   90.000
_cell.angle_gamma   90.000
#
_symmetry.space_group_name_H-M   'I 41 2 2'
#
loop_
_entity.id
_entity.type
_entity.pdbx_description
1 polymer 'Mitogen-activated protein kinase kinase kinase 1'
2 non-polymer GLYCEROL
3 non-polymer 'ACETATE ION'
4 water water
#
_entity_poly.entity_id   1
_entity_poly.type   'polypeptide(L)'
_entity_poly.pdbx_seq_one_letter_code
;GPGTHYGTQQIPPAYKDLAEPWIQVFGMELVGCLFSRNWNVREMALRRLSHDVSGALLLANGESTGNSGGSSGSSPSGGA
TSGSSQTSISGDVVEACCSVLSMVCADPVYKVYVAALKTLRAMLVYTPCHSLAERIKLQRLLQPVVDTILVKCADANSRT
SQLSISTLLELCKGQAGELAVGREILKAGSIGIGGVDYVLNCILGNQTESNNWQELLGRLCLIDRLLLEFPAEFYPHIVS
TDVSQAEPVEIRYKKLLSLLTFALQSIDNSHSMVGKLSRRIYLSSARMVTTVPHVFSKLLEMLSVSSSTHFTRMRRRLMA
IADEVEIAEAIQLGVEDTLDGQQDSFLQAS
;
_entity_poly.pdbx_strand_id   A
#
loop_
_chem_comp.id
_chem_comp.type
_chem_comp.name
_chem_comp.formula
ACT non-polymer 'ACETATE ION' 'C2 H3 O2 -1'
GOL non-polymer GLYCEROL 'C3 H8 O3'
#
# COMPACT_ATOMS: atom_id res chain seq x y z
N GLN A 10 -21.39 20.92 -11.60
CA GLN A 10 -22.07 19.97 -12.48
C GLN A 10 -21.23 18.71 -12.68
N ILE A 11 -21.91 17.58 -12.86
CA ILE A 11 -21.28 16.27 -12.95
C ILE A 11 -21.18 15.90 -14.43
N PRO A 12 -19.99 15.62 -14.96
CA PRO A 12 -19.86 15.32 -16.39
C PRO A 12 -20.59 14.04 -16.76
N PRO A 13 -21.19 13.98 -17.95
CA PRO A 13 -22.01 12.80 -18.31
C PRO A 13 -21.32 11.47 -18.11
N ALA A 14 -20.00 11.37 -18.32
CA ALA A 14 -19.36 10.07 -18.19
C ALA A 14 -19.42 9.52 -16.77
N TYR A 15 -19.61 10.40 -15.77
CA TYR A 15 -19.57 10.03 -14.37
C TYR A 15 -20.97 9.90 -13.76
N LYS A 16 -22.02 9.94 -14.57
CA LYS A 16 -23.37 10.02 -14.01
C LYS A 16 -23.71 8.77 -13.20
N ASP A 17 -23.40 7.58 -13.73
CA ASP A 17 -23.79 6.35 -13.04
C ASP A 17 -22.93 6.12 -11.82
N LEU A 18 -21.63 6.41 -11.91
CA LEU A 18 -20.76 6.28 -10.75
C LEU A 18 -21.17 7.25 -9.65
N ALA A 19 -21.57 8.47 -10.02
CA ALA A 19 -21.89 9.48 -9.05
C ALA A 19 -23.24 9.27 -8.39
N GLU A 20 -24.16 8.58 -9.06
CA GLU A 20 -25.53 8.47 -8.53
C GLU A 20 -25.58 7.95 -7.10
N PRO A 21 -24.96 6.82 -6.74
CA PRO A 21 -24.97 6.41 -5.33
C PRO A 21 -24.36 7.45 -4.42
N TRP A 22 -23.34 8.18 -4.89
CA TRP A 22 -22.79 9.27 -4.10
C TRP A 22 -23.85 10.30 -3.79
N ILE A 23 -24.59 10.72 -4.82
CA ILE A 23 -25.63 11.73 -4.64
C ILE A 23 -26.66 11.25 -3.62
N GLN A 24 -27.10 10.00 -3.74
CA GLN A 24 -28.11 9.45 -2.84
C GLN A 24 -27.68 9.62 -1.38
N VAL A 25 -26.39 9.48 -1.12
CA VAL A 25 -25.89 9.46 0.25
C VAL A 25 -25.47 10.85 0.71
N PHE A 26 -24.85 11.64 -0.17
CA PHE A 26 -24.29 12.92 0.21
C PHE A 26 -25.01 14.11 -0.40
N GLY A 27 -25.91 13.89 -1.34
CA GLY A 27 -26.64 15.01 -1.91
C GLY A 27 -25.95 15.62 -3.12
N MET A 28 -26.77 16.17 -4.02
CA MET A 28 -26.28 16.65 -5.30
C MET A 28 -25.27 17.79 -5.15
N GLU A 29 -25.51 18.70 -4.20
CA GLU A 29 -24.69 19.90 -4.10
C GLU A 29 -23.24 19.54 -3.81
N LEU A 30 -23.02 18.68 -2.81
CA LEU A 30 -21.66 18.31 -2.44
C LEU A 30 -20.98 17.52 -3.54
N VAL A 31 -21.68 16.58 -4.16
CA VAL A 31 -21.05 15.75 -5.19
C VAL A 31 -20.64 16.61 -6.37
N GLY A 32 -21.48 17.55 -6.76
CA GLY A 32 -21.10 18.49 -7.80
C GLY A 32 -19.79 19.21 -7.49
N CYS A 33 -19.61 19.63 -6.23
CA CYS A 33 -18.37 20.31 -5.85
C CYS A 33 -17.15 19.41 -6.00
N LEU A 34 -17.30 18.11 -5.74
CA LEU A 34 -16.19 17.18 -5.95
C LEU A 34 -15.67 17.23 -7.38
N PHE A 35 -16.55 17.55 -8.33
CA PHE A 35 -16.14 17.66 -9.73
C PHE A 35 -15.79 19.08 -10.14
N SER A 36 -15.80 20.03 -9.22
CA SER A 36 -15.47 21.41 -9.55
C SER A 36 -14.09 21.50 -10.20
N ARG A 37 -13.94 22.46 -11.11
CA ARG A 37 -12.64 22.73 -11.71
C ARG A 37 -11.74 23.53 -10.78
N ASN A 38 -12.32 24.21 -9.79
CA ASN A 38 -11.57 25.00 -8.84
C ASN A 38 -11.10 24.09 -7.72
N TRP A 39 -9.78 23.94 -7.58
CA TRP A 39 -9.26 23.00 -6.59
C TRP A 39 -9.66 23.42 -5.18
N ASN A 40 -9.89 24.72 -4.95
CA ASN A 40 -10.39 25.17 -3.66
C ASN A 40 -11.76 24.59 -3.37
N VAL A 41 -12.59 24.44 -4.40
CA VAL A 41 -13.93 23.93 -4.19
C VAL A 41 -13.88 22.44 -3.91
N ARG A 42 -13.03 21.71 -4.64
CA ARG A 42 -12.85 20.30 -4.37
C ARG A 42 -12.28 20.08 -2.98
N GLU A 43 -11.25 20.85 -2.62
CA GLU A 43 -10.70 20.73 -1.28
C GLU A 43 -11.76 21.02 -0.22
N MET A 44 -12.55 22.07 -0.42
CA MET A 44 -13.59 22.40 0.55
C MET A 44 -14.66 21.31 0.58
N ALA A 45 -15.01 20.76 -0.59
CA ALA A 45 -15.98 19.68 -0.63
C ALA A 45 -15.51 18.51 0.22
N LEU A 46 -14.23 18.17 0.14
CA LEU A 46 -13.72 17.05 0.90
C LEU A 46 -13.67 17.37 2.39
N ARG A 47 -13.34 18.61 2.73
CA ARG A 47 -13.42 19.02 4.13
C ARG A 47 -14.85 18.85 4.66
N ARG A 48 -15.85 19.19 3.85
CA ARG A 48 -17.23 19.00 4.26
C ARG A 48 -17.60 17.53 4.30
N LEU A 49 -17.15 16.76 3.29
CA LEU A 49 -17.45 15.34 3.26
C LEU A 49 -16.95 14.64 4.51
N SER A 50 -15.76 15.00 4.95
CA SER A 50 -15.22 14.42 6.17
C SER A 50 -16.16 14.61 7.35
N HIS A 51 -16.86 15.76 7.40
CA HIS A 51 -17.82 15.99 8.48
C HIS A 51 -19.12 15.23 8.23
N ASP A 52 -19.62 15.26 7.00
CA ASP A 52 -20.81 14.47 6.65
C ASP A 52 -20.63 13.00 7.03
N VAL A 53 -19.49 12.41 6.67
CA VAL A 53 -19.27 10.99 6.93
C VAL A 53 -19.13 10.75 8.43
N SER A 54 -18.38 11.60 9.12
CA SER A 54 -18.29 11.49 10.58
C SER A 54 -19.68 11.50 11.22
N GLY A 55 -20.50 12.48 10.86
CA GLY A 55 -21.82 12.58 11.46
C GLY A 55 -22.71 11.39 11.13
N ALA A 56 -22.63 10.89 9.90
CA ALA A 56 -23.46 9.75 9.55
C ALA A 56 -23.03 8.49 10.29
N LEU A 57 -21.72 8.25 10.39
CA LEU A 57 -21.25 7.04 11.07
C LEU A 57 -21.55 7.09 12.57
N LEU A 58 -21.33 8.25 13.20
CA LEU A 58 -21.78 8.43 14.58
C LEU A 58 -23.24 8.04 14.74
N LEU A 59 -24.09 8.45 13.78
CA LEU A 59 -25.51 8.14 13.85
C LEU A 59 -25.77 6.63 13.97
N ALA A 60 -24.85 5.80 13.47
CA ALA A 60 -24.95 4.35 13.67
C ALA A 60 -24.13 4.00 14.91
N ASN A 61 -24.79 4.05 16.07
CA ASN A 61 -24.16 3.92 17.39
C ASN A 61 -22.79 3.22 17.37
N SER A 90 -24.72 2.78 7.71
CA SER A 90 -23.26 2.83 7.80
C SER A 90 -22.65 2.11 6.61
N GLY A 91 -23.28 1.00 6.21
CA GLY A 91 -22.82 0.30 5.03
C GLY A 91 -22.88 1.16 3.79
N ASP A 92 -24.02 1.81 3.56
CA ASP A 92 -24.15 2.69 2.40
C ASP A 92 -23.13 3.80 2.44
N VAL A 93 -22.84 4.31 3.64
CA VAL A 93 -21.95 5.46 3.76
C VAL A 93 -20.50 5.05 3.51
N VAL A 94 -20.04 3.96 4.12
CA VAL A 94 -18.65 3.56 3.94
C VAL A 94 -18.40 3.22 2.47
N GLU A 95 -19.36 2.54 1.84
CA GLU A 95 -19.23 2.16 0.44
C GLU A 95 -19.11 3.40 -0.45
N ALA A 96 -20.03 4.36 -0.30
CA ALA A 96 -19.99 5.54 -1.16
C ALA A 96 -18.76 6.40 -0.86
N CYS A 97 -18.37 6.49 0.40
CA CYS A 97 -17.16 7.24 0.73
C CYS A 97 -15.92 6.60 0.11
N CYS A 98 -15.77 5.27 0.26
CA CYS A 98 -14.65 4.60 -0.39
C CYS A 98 -14.65 4.85 -1.89
N SER A 99 -15.83 4.82 -2.50
CA SER A 99 -15.93 5.04 -3.94
C SER A 99 -15.49 6.46 -4.30
N VAL A 100 -15.96 7.46 -3.56
CA VAL A 100 -15.48 8.83 -3.77
C VAL A 100 -13.96 8.89 -3.63
N LEU A 101 -13.43 8.27 -2.59
CA LEU A 101 -12.01 8.37 -2.27
C LEU A 101 -11.14 7.69 -3.32
N SER A 102 -11.63 6.62 -3.94
CA SER A 102 -10.85 6.01 -5.01
C SER A 102 -10.70 6.97 -6.18
N MET A 103 -11.61 7.95 -6.32
CA MET A 103 -11.44 8.98 -7.34
C MET A 103 -10.55 10.12 -6.85
N VAL A 104 -10.88 10.74 -5.71
CA VAL A 104 -10.18 11.96 -5.32
C VAL A 104 -8.79 11.69 -4.77
N CYS A 105 -8.47 10.49 -4.28
CA CYS A 105 -7.10 10.26 -3.87
C CYS A 105 -6.14 10.30 -5.06
N ALA A 106 -6.67 10.20 -6.27
CA ALA A 106 -5.88 10.36 -7.48
C ALA A 106 -5.76 11.81 -7.93
N ASP A 107 -6.32 12.74 -7.15
CA ASP A 107 -6.35 14.13 -7.58
C ASP A 107 -4.92 14.64 -7.73
N PRO A 108 -4.58 15.31 -8.83
CA PRO A 108 -3.19 15.77 -9.00
C PRO A 108 -2.85 16.98 -8.17
N VAL A 109 -3.81 17.60 -7.50
CA VAL A 109 -3.56 18.77 -6.67
C VAL A 109 -3.28 18.32 -5.24
N TYR A 110 -2.10 18.65 -4.74
CA TYR A 110 -1.65 18.14 -3.45
C TYR A 110 -2.62 18.49 -2.33
N LYS A 111 -3.03 19.76 -2.25
CA LYS A 111 -3.91 20.15 -1.16
C LYS A 111 -5.23 19.39 -1.18
N VAL A 112 -5.67 18.98 -2.38
CA VAL A 112 -6.88 18.16 -2.47
C VAL A 112 -6.61 16.75 -1.98
N TYR A 113 -5.46 16.20 -2.39
CA TYR A 113 -5.06 14.87 -1.93
C TYR A 113 -5.01 14.83 -0.41
N VAL A 114 -4.43 15.85 0.21
CA VAL A 114 -4.39 15.93 1.66
C VAL A 114 -5.78 15.86 2.25
N ALA A 115 -6.69 16.71 1.74
CA ALA A 115 -8.06 16.68 2.22
C ALA A 115 -8.69 15.31 2.01
N ALA A 116 -8.40 14.67 0.86
CA ALA A 116 -8.91 13.32 0.63
C ALA A 116 -8.42 12.34 1.68
N LEU A 117 -7.13 12.41 2.03
CA LEU A 117 -6.58 11.51 3.04
C LEU A 117 -7.16 11.79 4.43
N LYS A 118 -7.43 13.05 4.75
CA LYS A 118 -8.10 13.35 6.01
C LYS A 118 -9.50 12.76 6.04
N THR A 119 -10.20 12.80 4.90
CA THR A 119 -11.49 12.12 4.82
C THR A 119 -11.34 10.61 5.05
N LEU A 120 -10.33 9.99 4.43
CA LEU A 120 -10.08 8.57 4.66
C LEU A 120 -9.91 8.27 6.14
N ARG A 121 -9.11 9.08 6.85
CA ARG A 121 -8.94 8.87 8.28
C ARG A 121 -10.24 9.07 9.03
N ALA A 122 -10.98 10.14 8.70
CA ALA A 122 -12.22 10.41 9.40
C ALA A 122 -13.21 9.27 9.24
N MET A 123 -13.27 8.68 8.05
CA MET A 123 -14.12 7.51 7.85
C MET A 123 -13.65 6.35 8.71
N LEU A 124 -12.34 6.05 8.66
CA LEU A 124 -11.85 4.85 9.31
C LEU A 124 -12.10 4.88 10.81
N VAL A 125 -11.97 6.06 11.44
CA VAL A 125 -12.03 6.07 12.89
C VAL A 125 -13.45 5.95 13.41
N TYR A 126 -14.47 6.18 12.57
CA TYR A 126 -15.85 5.96 12.96
C TYR A 126 -16.46 4.73 12.30
N THR A 127 -15.69 3.96 11.54
CA THR A 127 -16.26 2.81 10.82
C THR A 127 -16.45 1.64 11.78
N PRO A 128 -17.62 0.99 11.76
CA PRO A 128 -17.83 -0.18 12.63
C PRO A 128 -17.32 -1.44 11.95
N CYS A 129 -16.41 -2.13 12.61
CA CYS A 129 -15.77 -3.32 12.02
C CYS A 129 -15.44 -4.27 13.17
N HIS A 130 -16.37 -5.18 13.46
CA HIS A 130 -16.27 -6.05 14.62
C HIS A 130 -16.30 -7.54 14.28
N SER A 131 -16.23 -7.90 13.01
CA SER A 131 -16.35 -9.31 12.62
C SER A 131 -15.50 -9.56 11.40
N LEU A 132 -14.95 -10.77 11.29
CA LEU A 132 -14.13 -11.09 10.14
C LEU A 132 -14.87 -10.84 8.83
N ALA A 133 -16.19 -11.04 8.83
CA ALA A 133 -17.00 -10.68 7.66
C ALA A 133 -16.87 -9.19 7.36
N GLU A 134 -17.12 -8.35 8.37
CA GLU A 134 -17.02 -6.90 8.18
C GLU A 134 -15.61 -6.47 7.81
N ARG A 135 -14.60 -7.18 8.31
CA ARG A 135 -13.23 -6.89 7.89
C ARG A 135 -13.05 -7.16 6.41
N ILE A 136 -13.51 -8.33 5.95
CA ILE A 136 -13.37 -8.67 4.54
C ILE A 136 -14.06 -7.61 3.69
N LYS A 137 -15.26 -7.20 4.09
CA LYS A 137 -15.99 -6.19 3.30
C LYS A 137 -15.21 -4.89 3.22
N LEU A 138 -14.74 -4.39 4.37
CA LEU A 138 -13.99 -3.13 4.37
C LEU A 138 -12.69 -3.25 3.58
N GLN A 139 -12.04 -4.41 3.65
CA GLN A 139 -10.80 -4.61 2.90
C GLN A 139 -11.03 -4.43 1.41
N ARG A 140 -12.12 -5.00 0.88
CA ARG A 140 -12.41 -4.90 -0.54
C ARG A 140 -12.78 -3.50 -0.94
N LEU A 141 -13.58 -2.81 -0.12
CA LEU A 141 -14.01 -1.46 -0.46
C LEU A 141 -12.83 -0.52 -0.51
N LEU A 142 -11.86 -0.72 0.37
CA LEU A 142 -10.67 0.12 0.44
C LEU A 142 -9.60 -0.24 -0.58
N GLN A 143 -9.65 -1.43 -1.17
CA GLN A 143 -8.58 -1.85 -2.05
C GLN A 143 -8.39 -0.87 -3.20
N PRO A 144 -9.44 -0.39 -3.87
CA PRO A 144 -9.24 0.66 -4.89
C PRO A 144 -8.62 1.93 -4.35
N VAL A 145 -8.85 2.26 -3.08
CA VAL A 145 -8.26 3.47 -2.53
C VAL A 145 -6.77 3.27 -2.31
N VAL A 146 -6.38 2.11 -1.77
CA VAL A 146 -4.97 1.80 -1.59
C VAL A 146 -4.25 1.76 -2.94
N ASP A 147 -4.93 1.30 -3.99
CA ASP A 147 -4.36 1.28 -5.34
C ASP A 147 -3.96 2.67 -5.79
N THR A 148 -4.84 3.65 -5.57
CA THR A 148 -4.55 5.03 -5.96
C THR A 148 -3.38 5.57 -5.16
N ILE A 149 -3.31 5.23 -3.87
CA ILE A 149 -2.21 5.69 -3.03
C ILE A 149 -0.90 5.00 -3.43
N LEU A 150 -0.97 3.71 -3.78
CA LEU A 150 0.26 3.00 -4.18
C LEU A 150 0.91 3.67 -5.38
N VAL A 151 0.12 4.03 -6.37
CA VAL A 151 0.64 4.76 -7.53
C VAL A 151 1.39 6.00 -7.08
N LYS A 152 0.78 6.78 -6.19
CA LYS A 152 1.39 8.03 -5.79
C LYS A 152 2.59 7.84 -4.87
N CYS A 153 2.85 6.61 -4.41
CA CYS A 153 4.10 6.36 -3.72
C CYS A 153 5.30 6.59 -4.64
N ALA A 154 5.09 6.54 -5.95
CA ALA A 154 6.16 6.85 -6.89
C ALA A 154 5.88 8.12 -7.67
N ASP A 155 5.03 9.00 -7.14
CA ASP A 155 4.90 10.33 -7.73
C ASP A 155 6.26 11.00 -7.78
N ALA A 156 6.52 11.78 -8.83
CA ALA A 156 7.79 12.49 -8.94
C ALA A 156 8.06 13.44 -7.78
N ASN A 157 7.01 13.93 -7.12
CA ASN A 157 7.15 14.99 -6.12
C ASN A 157 7.26 14.37 -4.72
N SER A 158 8.36 14.68 -4.02
CA SER A 158 8.65 14.03 -2.74
C SER A 158 7.52 14.19 -1.73
N ARG A 159 6.96 15.39 -1.59
CA ARG A 159 5.93 15.56 -0.55
C ARG A 159 4.73 14.67 -0.83
N THR A 160 4.39 14.44 -2.10
CA THR A 160 3.29 13.54 -2.41
C THR A 160 3.66 12.07 -2.21
N SER A 161 4.84 11.65 -2.68
CA SER A 161 5.24 10.26 -2.46
C SER A 161 5.42 9.97 -0.99
N GLN A 162 6.01 10.89 -0.24
CA GLN A 162 6.27 10.63 1.17
C GLN A 162 4.97 10.55 1.96
N LEU A 163 4.01 11.42 1.66
CA LEU A 163 2.70 11.33 2.30
C LEU A 163 2.00 10.02 1.97
N SER A 164 2.08 9.59 0.70
CA SER A 164 1.49 8.31 0.31
C SER A 164 2.13 7.14 1.05
N ILE A 165 3.46 7.11 1.08
CA ILE A 165 4.17 6.05 1.81
C ILE A 165 3.79 6.09 3.29
N SER A 166 3.85 7.28 3.90
CA SER A 166 3.53 7.40 5.32
C SER A 166 2.12 6.92 5.62
N THR A 167 1.17 7.23 4.74
CA THR A 167 -0.21 6.80 4.95
C THR A 167 -0.31 5.28 5.01
N LEU A 168 0.28 4.59 4.02
CA LEU A 168 0.20 3.13 3.99
C LEU A 168 1.03 2.50 5.10
N LEU A 169 2.16 3.09 5.47
CA LEU A 169 2.86 2.62 6.67
C LEU A 169 1.99 2.74 7.91
N GLU A 170 1.26 3.85 8.06
CA GLU A 170 0.35 3.97 9.20
C GLU A 170 -0.70 2.88 9.18
N LEU A 171 -1.26 2.62 8.00
CA LEU A 171 -2.21 1.53 7.85
C LEU A 171 -1.61 0.21 8.33
N CYS A 172 -0.33 -0.03 8.02
CA CYS A 172 0.35 -1.25 8.48
C CYS A 172 0.33 -1.39 9.99
N LYS A 173 0.36 -0.28 10.73
CA LYS A 173 0.34 -0.33 12.18
C LYS A 173 -1.02 -0.71 12.74
N GLY A 174 -2.05 -0.81 11.91
CA GLY A 174 -3.33 -1.34 12.37
C GLY A 174 -3.92 -0.55 13.52
N GLN A 175 -4.32 -1.25 14.58
CA GLN A 175 -5.03 -0.60 15.68
C GLN A 175 -4.12 0.17 16.62
N ALA A 176 -2.82 0.21 16.37
CA ALA A 176 -1.91 1.05 17.13
C ALA A 176 -1.48 2.30 16.36
N GLY A 177 -1.95 2.46 15.13
CA GLY A 177 -1.65 3.61 14.32
C GLY A 177 -2.81 4.60 14.27
N GLU A 178 -2.55 5.71 13.58
CA GLU A 178 -3.50 6.81 13.48
C GLU A 178 -4.64 6.51 12.52
N LEU A 179 -4.59 5.40 11.80
CA LEU A 179 -5.68 4.98 10.91
C LEU A 179 -6.42 3.77 11.48
N ALA A 180 -6.37 3.60 12.80
CA ALA A 180 -7.07 2.50 13.44
C ALA A 180 -8.55 2.60 13.14
N VAL A 181 -9.17 1.45 12.88
CA VAL A 181 -10.58 1.42 12.53
C VAL A 181 -11.40 1.49 13.80
N GLY A 182 -12.41 2.35 13.80
CA GLY A 182 -13.17 2.58 15.02
C GLY A 182 -12.38 3.24 16.13
N ARG A 183 -11.27 3.90 15.81
CA ARG A 183 -10.43 4.50 16.84
C ARG A 183 -11.23 5.44 17.74
N GLU A 184 -12.21 6.14 17.18
CA GLU A 184 -12.97 7.16 17.90
C GLU A 184 -14.24 6.61 18.55
N ILE A 185 -14.49 5.31 18.44
CA ILE A 185 -15.62 4.70 19.14
C ILE A 185 -15.26 3.27 19.55
N GLY A 189 -14.71 -2.90 20.64
CA GLY A 189 -13.49 -3.61 20.28
C GLY A 189 -13.42 -3.98 18.81
N SER A 190 -12.80 -3.11 18.00
CA SER A 190 -12.69 -3.34 16.57
C SER A 190 -11.58 -4.33 16.26
N ILE A 191 -11.80 -5.18 15.24
CA ILE A 191 -10.77 -6.13 14.83
C ILE A 191 -9.80 -5.55 13.82
N GLY A 192 -10.00 -4.31 13.38
CA GLY A 192 -9.05 -3.66 12.49
C GLY A 192 -9.11 -4.19 11.06
N ILE A 193 -8.29 -3.58 10.21
CA ILE A 193 -8.33 -3.85 8.78
C ILE A 193 -7.41 -4.99 8.38
N GLY A 194 -6.46 -5.37 9.23
CA GLY A 194 -5.50 -6.41 8.90
C GLY A 194 -4.06 -5.94 8.83
N GLY A 195 -3.78 -4.67 9.08
CA GLY A 195 -2.40 -4.22 9.21
C GLY A 195 -1.54 -4.62 8.04
N VAL A 196 -0.30 -5.02 8.34
CA VAL A 196 0.71 -5.27 7.30
C VAL A 196 0.22 -6.32 6.31
N ASP A 197 -0.33 -7.41 6.81
CA ASP A 197 -0.77 -8.47 5.91
C ASP A 197 -1.75 -7.92 4.87
N TYR A 198 -2.64 -7.02 5.30
CA TYR A 198 -3.57 -6.45 4.33
C TYR A 198 -2.84 -5.59 3.32
N VAL A 199 -1.91 -4.77 3.79
CA VAL A 199 -1.17 -3.94 2.84
C VAL A 199 -0.35 -4.82 1.90
N LEU A 200 0.21 -5.92 2.42
CA LEU A 200 0.96 -6.84 1.55
C LEU A 200 0.07 -7.40 0.45
N ASN A 201 -1.14 -7.83 0.82
CA ASN A 201 -2.09 -8.33 -0.18
C ASN A 201 -2.38 -7.29 -1.23
N CYS A 202 -2.55 -6.03 -0.81
CA CYS A 202 -2.76 -4.95 -1.76
C CYS A 202 -1.54 -4.77 -2.66
N ILE A 203 -0.34 -4.83 -2.10
CA ILE A 203 0.87 -4.64 -2.90
C ILE A 203 0.95 -5.73 -3.97
N LEU A 204 0.63 -6.96 -3.59
CA LEU A 204 0.88 -8.12 -4.42
C LEU A 204 -0.31 -8.53 -5.26
N GLY A 205 -1.44 -7.82 -5.14
CA GLY A 205 -2.66 -8.26 -5.77
C GLY A 205 -2.91 -7.62 -7.12
N ASN A 206 -3.83 -8.24 -7.86
CA ASN A 206 -4.29 -7.73 -9.15
C ASN A 206 -3.10 -7.37 -10.04
N GLN A 207 -2.14 -8.28 -10.13
CA GLN A 207 -0.91 -7.96 -10.85
C GLN A 207 -1.11 -7.83 -12.35
N THR A 208 -2.17 -8.43 -12.92
CA THR A 208 -2.34 -8.36 -14.36
C THR A 208 -2.90 -7.01 -14.83
N GLU A 209 -3.28 -6.14 -13.92
CA GLU A 209 -3.79 -4.82 -14.27
C GLU A 209 -2.92 -3.69 -13.75
N SER A 210 -2.45 -3.79 -12.51
CA SER A 210 -1.66 -2.73 -11.88
C SER A 210 -0.18 -2.98 -12.09
N ASN A 211 0.24 -2.93 -13.36
CA ASN A 211 1.60 -3.30 -13.75
C ASN A 211 2.25 -2.31 -14.70
N ASN A 212 1.81 -1.06 -14.77
CA ASN A 212 2.59 -0.13 -15.55
C ASN A 212 3.78 0.33 -14.69
N TRP A 213 4.71 1.08 -15.30
CA TRP A 213 5.99 1.32 -14.62
C TRP A 213 5.78 2.03 -13.29
N GLN A 214 4.84 3.00 -13.23
CA GLN A 214 4.64 3.74 -11.98
C GLN A 214 3.86 2.93 -10.95
N GLU A 215 2.94 2.07 -11.39
CA GLU A 215 2.27 1.19 -10.45
C GLU A 215 3.26 0.19 -9.86
N LEU A 216 4.21 -0.28 -10.65
CA LEU A 216 5.24 -1.16 -10.11
C LEU A 216 6.19 -0.39 -9.22
N LEU A 217 6.62 0.80 -9.67
CA LEU A 217 7.60 1.55 -8.90
C LEU A 217 7.06 1.95 -7.54
N GLY A 218 5.78 2.34 -7.49
CA GLY A 218 5.18 2.70 -6.21
C GLY A 218 5.11 1.53 -5.25
N ARG A 219 4.73 0.37 -5.76
CA ARG A 219 4.77 -0.84 -4.93
C ARG A 219 6.19 -1.11 -4.45
N LEU A 220 7.17 -0.99 -5.33
CA LEU A 220 8.55 -1.27 -4.96
C LEU A 220 9.06 -0.24 -3.96
N CYS A 221 8.71 1.04 -4.15
CA CYS A 221 9.06 2.05 -3.16
C CYS A 221 8.46 1.73 -1.80
N LEU A 222 7.20 1.30 -1.75
CA LEU A 222 6.63 0.94 -0.45
C LEU A 222 7.32 -0.30 0.14
N ILE A 223 7.58 -1.31 -0.70
CA ILE A 223 8.23 -2.53 -0.21
C ILE A 223 9.55 -2.18 0.48
N ASP A 224 10.34 -1.30 -0.14
CA ASP A 224 11.65 -0.96 0.41
C ASP A 224 11.52 -0.29 1.77
N ARG A 225 10.46 0.50 1.94
CA ARG A 225 10.22 1.16 3.22
C ARG A 225 9.65 0.20 4.26
N LEU A 226 8.87 -0.80 3.83
CA LEU A 226 8.37 -1.81 4.77
C LEU A 226 9.52 -2.59 5.38
N LEU A 227 10.43 -3.07 4.55
CA LEU A 227 11.55 -3.84 5.07
C LEU A 227 12.38 -3.01 6.03
N LEU A 228 12.44 -1.69 5.79
CA LEU A 228 13.21 -0.79 6.66
C LEU A 228 12.44 -0.42 7.92
N GLU A 229 11.12 -0.27 7.81
CA GLU A 229 10.31 0.21 8.91
C GLU A 229 9.96 -0.89 9.89
N PHE A 230 9.67 -2.09 9.39
CA PHE A 230 9.19 -3.21 10.22
C PHE A 230 10.08 -4.42 10.02
N PRO A 231 11.39 -4.27 10.26
CA PRO A 231 12.31 -5.37 9.95
C PRO A 231 11.97 -6.67 10.66
N ALA A 232 11.41 -6.60 11.87
CA ALA A 232 11.13 -7.82 12.62
C ALA A 232 10.03 -8.64 11.95
N GLU A 233 9.16 -7.98 11.20
CA GLU A 233 8.10 -8.69 10.49
C GLU A 233 8.66 -9.51 9.34
N PHE A 234 9.77 -9.08 8.74
CA PHE A 234 10.32 -9.76 7.58
C PHE A 234 11.62 -10.49 7.88
N TYR A 235 12.33 -10.13 8.94
CA TYR A 235 13.59 -10.76 9.31
C TYR A 235 13.46 -11.31 10.72
N PRO A 236 12.65 -12.36 10.90
CA PRO A 236 12.37 -12.88 12.25
C PRO A 236 13.61 -13.10 13.11
N HIS A 237 14.75 -13.40 12.49
CA HIS A 237 15.92 -13.76 13.30
C HIS A 237 16.40 -12.60 14.17
N ILE A 238 15.93 -11.37 13.94
CA ILE A 238 16.44 -10.27 14.75
C ILE A 238 15.74 -10.19 16.11
N VAL A 239 14.56 -10.78 16.26
CA VAL A 239 13.94 -10.95 17.57
C VAL A 239 14.59 -12.16 18.26
N SER A 240 15.19 -11.93 19.42
CA SER A 240 16.06 -12.93 20.03
C SER A 240 15.31 -14.03 20.79
N THR A 241 13.99 -13.93 20.94
CA THR A 241 13.23 -14.95 21.64
C THR A 241 13.43 -16.31 20.98
N GLU A 247 8.81 -23.71 10.21
CA GLU A 247 10.17 -23.50 10.72
C GLU A 247 11.22 -23.44 9.59
N PRO A 248 11.13 -24.34 8.59
CA PRO A 248 12.04 -24.23 7.42
C PRO A 248 12.02 -22.83 6.82
N VAL A 249 13.06 -22.51 6.04
CA VAL A 249 13.21 -21.14 5.54
C VAL A 249 11.97 -20.70 4.78
N GLU A 250 11.46 -21.58 3.91
CA GLU A 250 10.34 -21.20 3.04
C GLU A 250 9.11 -20.83 3.85
N ILE A 251 9.02 -21.32 5.08
CA ILE A 251 7.87 -21.07 5.94
C ILE A 251 8.12 -19.89 6.87
N ARG A 252 9.24 -19.92 7.59
CA ARG A 252 9.52 -18.87 8.56
C ARG A 252 9.67 -17.51 7.88
N TYR A 253 10.24 -17.48 6.68
CA TYR A 253 10.46 -16.22 5.96
C TYR A 253 9.48 -16.05 4.80
N LYS A 254 8.27 -16.63 4.92
CA LYS A 254 7.37 -16.59 3.76
C LYS A 254 7.04 -15.17 3.36
N LYS A 255 6.92 -14.24 4.33
CA LYS A 255 6.54 -12.88 3.99
C LYS A 255 7.64 -12.18 3.20
N LEU A 256 8.88 -12.30 3.66
CA LEU A 256 10.01 -11.71 2.94
C LEU A 256 10.12 -12.33 1.56
N LEU A 257 10.01 -13.65 1.49
CA LEU A 257 10.18 -14.33 0.21
C LEU A 257 9.09 -13.93 -0.77
N SER A 258 7.89 -13.61 -0.29
CA SER A 258 6.83 -13.15 -1.18
C SER A 258 7.17 -11.78 -1.78
N LEU A 259 7.86 -10.92 -1.02
CA LEU A 259 8.24 -9.62 -1.55
C LEU A 259 9.48 -9.71 -2.43
N LEU A 260 10.40 -10.62 -2.14
CA LEU A 260 11.54 -10.80 -3.02
C LEU A 260 11.15 -11.52 -4.31
N THR A 261 10.17 -12.42 -4.27
CA THR A 261 9.64 -13.00 -5.50
C THR A 261 9.09 -11.90 -6.40
N PHE A 262 8.27 -11.02 -5.84
CA PHE A 262 7.78 -9.86 -6.58
C PHE A 262 8.93 -9.03 -7.14
N ALA A 263 9.91 -8.69 -6.29
CA ALA A 263 11.04 -7.90 -6.76
C ALA A 263 11.75 -8.58 -7.94
N LEU A 264 11.92 -9.91 -7.87
CA LEU A 264 12.60 -10.62 -8.96
C LEU A 264 11.84 -10.56 -10.28
N GLN A 265 10.52 -10.34 -10.26
CA GLN A 265 9.77 -10.25 -11.50
C GLN A 265 10.14 -9.00 -12.31
N SER A 266 10.81 -8.02 -11.72
CA SER A 266 11.12 -6.78 -12.43
C SER A 266 12.58 -6.35 -12.28
N ILE A 267 13.50 -7.25 -11.94
CA ILE A 267 14.92 -6.86 -11.93
C ILE A 267 15.45 -6.64 -13.34
N ASP A 268 14.70 -7.07 -14.36
CA ASP A 268 15.05 -6.87 -15.76
C ASP A 268 14.18 -5.80 -16.40
N ASN A 269 13.43 -5.03 -15.60
CA ASN A 269 12.47 -4.09 -16.16
C ASN A 269 13.18 -3.05 -17.02
N SER A 270 12.53 -2.64 -18.12
CA SER A 270 13.16 -1.67 -18.99
C SER A 270 12.99 -0.23 -18.51
N HIS A 271 12.29 0.00 -17.41
CA HIS A 271 12.33 1.30 -16.76
C HIS A 271 13.45 1.28 -15.73
N SER A 272 14.33 2.29 -15.81
CA SER A 272 15.58 2.27 -15.05
C SER A 272 15.34 2.13 -13.55
N MET A 273 14.37 2.87 -13.02
CA MET A 273 14.19 2.90 -11.57
C MET A 273 13.41 1.69 -11.07
N VAL A 274 12.48 1.16 -11.86
CA VAL A 274 11.86 -0.12 -11.54
C VAL A 274 12.93 -1.20 -11.45
N GLY A 275 13.79 -1.27 -12.45
CA GLY A 275 14.84 -2.27 -12.44
C GLY A 275 15.79 -2.10 -11.28
N LYS A 276 16.22 -0.85 -11.03
CA LYS A 276 17.23 -0.61 -10.00
C LYS A 276 16.69 -0.93 -8.61
N LEU A 277 15.46 -0.49 -8.33
CA LEU A 277 14.93 -0.67 -6.98
C LEU A 277 14.63 -2.14 -6.72
N SER A 278 14.19 -2.86 -7.76
CA SER A 278 13.99 -4.30 -7.63
C SER A 278 15.29 -4.99 -7.24
N ARG A 279 16.37 -4.69 -7.96
CA ARG A 279 17.67 -5.28 -7.67
C ARG A 279 18.19 -4.83 -6.30
N ARG A 280 18.06 -3.54 -5.98
CA ARG A 280 18.57 -3.04 -4.71
CA ARG A 280 18.58 -3.04 -4.71
C ARG A 280 17.84 -3.64 -3.53
N ILE A 281 16.52 -3.83 -3.65
CA ILE A 281 15.77 -4.50 -2.59
C ILE A 281 16.33 -5.89 -2.35
N TYR A 282 16.55 -6.65 -3.42
CA TYR A 282 17.04 -8.02 -3.27
C TYR A 282 18.42 -8.03 -2.62
N LEU A 283 19.30 -7.10 -3.01
CA LEU A 283 20.65 -7.09 -2.47
C LEU A 283 20.67 -6.68 -1.00
N SER A 284 19.81 -5.73 -0.63
CA SER A 284 19.69 -5.36 0.78
C SER A 284 19.17 -6.53 1.61
N SER A 285 18.17 -7.26 1.11
CA SER A 285 17.70 -8.41 1.88
C SER A 285 18.81 -9.42 2.07
N ALA A 286 19.60 -9.69 1.02
CA ALA A 286 20.72 -10.62 1.14
C ALA A 286 21.69 -10.16 2.22
N ARG A 287 22.04 -8.87 2.22
CA ARG A 287 22.90 -8.34 3.28
C ARG A 287 22.32 -8.62 4.65
N MET A 288 20.99 -8.47 4.80
CA MET A 288 20.33 -8.66 6.09
C MET A 288 20.35 -10.10 6.58
N VAL A 289 20.53 -11.07 5.69
CA VAL A 289 20.42 -12.48 6.07
C VAL A 289 21.78 -13.17 6.07
N THR A 290 22.87 -12.41 6.05
CA THR A 290 24.20 -13.00 6.21
C THR A 290 24.40 -13.60 7.60
N THR A 291 23.70 -13.09 8.61
CA THR A 291 23.79 -13.69 9.94
C THR A 291 23.10 -15.04 10.01
N VAL A 292 22.34 -15.42 8.99
CA VAL A 292 21.61 -16.67 8.95
C VAL A 292 21.89 -17.32 7.59
N PRO A 293 23.05 -17.97 7.43
CA PRO A 293 23.44 -18.48 6.10
C PRO A 293 22.41 -19.38 5.42
N HIS A 294 21.62 -20.14 6.16
CA HIS A 294 20.62 -20.99 5.51
C HIS A 294 19.58 -20.16 4.76
N VAL A 295 19.31 -18.94 5.24
CA VAL A 295 18.40 -18.05 4.54
C VAL A 295 19.08 -17.44 3.33
N PHE A 296 20.33 -16.97 3.51
CA PHE A 296 21.12 -16.46 2.41
C PHE A 296 21.18 -17.47 1.28
N SER A 297 21.35 -18.76 1.63
CA SER A 297 21.40 -19.82 0.63
C SER A 297 20.12 -19.87 -0.20
N LYS A 298 18.96 -19.69 0.44
CA LYS A 298 17.69 -19.66 -0.30
C LYS A 298 17.66 -18.52 -1.32
N LEU A 299 18.10 -17.32 -0.92
CA LEU A 299 18.07 -16.19 -1.85
C LEU A 299 18.97 -16.46 -3.05
N LEU A 300 20.14 -17.03 -2.82
CA LEU A 300 21.00 -17.41 -3.93
C LEU A 300 20.34 -18.47 -4.80
N GLU A 301 19.69 -19.45 -4.17
CA GLU A 301 18.97 -20.49 -4.91
C GLU A 301 17.92 -19.89 -5.83
N MET A 302 17.12 -18.95 -5.31
CA MET A 302 16.03 -18.37 -6.10
C MET A 302 16.51 -17.74 -7.40
N LEU A 303 17.81 -17.44 -7.50
CA LEU A 303 18.37 -16.81 -8.69
C LEU A 303 18.75 -17.84 -9.76
N SER A 304 18.34 -19.09 -9.60
CA SER A 304 18.55 -20.11 -10.61
C SER A 304 17.31 -20.35 -11.47
N VAL A 305 16.22 -19.62 -11.20
CA VAL A 305 14.97 -19.75 -11.95
C VAL A 305 15.16 -19.21 -13.36
N SER A 306 16.32 -18.66 -13.65
CA SER A 306 16.54 -18.02 -14.94
C SER A 306 18.03 -17.88 -15.16
N SER A 307 18.42 -17.94 -16.43
CA SER A 307 19.81 -17.74 -16.82
C SER A 307 20.04 -16.37 -17.43
N SER A 308 18.99 -15.56 -17.57
CA SER A 308 19.13 -14.21 -18.11
C SER A 308 20.24 -13.45 -17.38
N THR A 309 20.66 -12.32 -17.93
CA THR A 309 21.88 -11.69 -17.46
C THR A 309 21.74 -11.16 -16.04
N HIS A 310 20.63 -10.52 -15.72
CA HIS A 310 20.51 -9.90 -14.41
C HIS A 310 20.50 -10.94 -13.30
N PHE A 311 19.93 -12.11 -13.55
CA PHE A 311 20.03 -13.18 -12.57
C PHE A 311 21.48 -13.61 -12.37
N THR A 312 22.22 -13.77 -13.47
CA THR A 312 23.63 -14.10 -13.38
C THR A 312 24.40 -13.04 -12.61
N ARG A 313 24.20 -11.77 -12.96
CA ARG A 313 24.83 -10.68 -12.23
C ARG A 313 24.45 -10.73 -10.76
N MET A 314 23.16 -10.88 -10.49
CA MET A 314 22.68 -10.94 -9.11
C MET A 314 23.36 -12.07 -8.36
N ARG A 315 23.41 -13.24 -9.00
CA ARG A 315 24.04 -14.40 -8.36
C ARG A 315 25.51 -14.13 -8.04
N ARG A 316 26.25 -13.53 -8.97
CA ARG A 316 27.66 -13.21 -8.68
C ARG A 316 27.79 -12.17 -7.57
N ARG A 317 26.83 -11.25 -7.47
CA ARG A 317 26.88 -10.28 -6.39
C ARG A 317 26.72 -10.96 -5.02
N LEU A 318 25.74 -11.88 -4.92
CA LEU A 318 25.55 -12.58 -3.65
C LEU A 318 26.72 -13.50 -3.33
N MET A 319 27.36 -14.10 -4.35
CA MET A 319 28.57 -14.86 -4.10
C MET A 319 29.65 -13.98 -3.49
N ALA A 320 29.74 -12.73 -3.96
CA ALA A 320 30.76 -11.82 -3.46
C ALA A 320 30.50 -11.45 -2.00
N ILE A 321 29.27 -11.01 -1.69
CA ILE A 321 28.89 -10.78 -0.30
C ILE A 321 29.21 -11.99 0.54
N ALA A 322 28.92 -13.19 0.03
CA ALA A 322 29.18 -14.41 0.81
C ALA A 322 30.66 -14.54 1.14
N ASP A 323 31.53 -14.23 0.18
CA ASP A 323 32.97 -14.35 0.42
C ASP A 323 33.45 -13.26 1.37
N GLU A 324 33.09 -12.01 1.10
CA GLU A 324 33.40 -10.88 1.96
C GLU A 324 33.13 -11.23 3.42
N VAL A 325 31.99 -11.89 3.69
CA VAL A 325 31.54 -12.12 5.05
C VAL A 325 31.84 -13.53 5.54
N GLU A 326 32.49 -14.36 4.72
CA GLU A 326 32.98 -15.66 5.17
C GLU A 326 31.83 -16.61 5.54
N ILE A 327 30.84 -16.69 4.67
CA ILE A 327 29.77 -17.68 4.80
C ILE A 327 29.71 -18.64 3.62
N ALA A 328 30.54 -18.46 2.60
CA ALA A 328 30.69 -19.47 1.58
C ALA A 328 31.04 -20.78 2.27
N GLU A 329 30.08 -21.69 2.34
CA GLU A 329 30.25 -22.90 3.15
C GLU A 329 31.32 -23.79 2.54
C1 GOL B . 16.67 -3.71 6.83
O1 GOL B . 15.51 -3.17 7.41
C2 GOL B . 16.78 -3.26 5.38
O2 GOL B . 18.11 -2.81 5.14
C3 GOL B . 16.41 -4.41 4.46
O3 GOL B . 16.37 -3.99 3.11
H11 GOL B . 17.55 -3.39 7.39
H12 GOL B . 16.62 -4.80 6.87
HO1 GOL B . 15.40 -3.52 8.31
H2 GOL B . 16.09 -2.43 5.22
HO2 GOL B . 18.73 -3.56 5.29
H31 GOL B . 17.13 -5.21 4.57
H32 GOL B . 15.43 -4.80 4.74
HO3 GOL B . 16.14 -4.75 2.54
C1 GOL C . 5.36 -0.87 15.30
O1 GOL C . 4.71 0.17 14.62
C2 GOL C . 6.56 -1.38 14.51
O2 GOL C . 7.22 -0.28 13.92
C3 GOL C . 7.54 -2.17 15.39
O3 GOL C . 8.53 -2.82 14.63
H11 GOL C . 5.70 -0.51 16.28
H12 GOL C . 4.67 -1.69 15.48
HO1 GOL C . 3.90 0.44 15.12
H2 GOL C . 6.20 -2.04 13.73
HO2 GOL C . 7.58 0.31 14.62
H31 GOL C . 8.01 -1.48 16.10
H32 GOL C . 6.98 -2.91 15.97
HO3 GOL C . 9.08 -3.37 15.22
C1 GOL D . -11.79 4.55 -10.66
O1 GOL D . -10.82 3.99 -9.80
C2 GOL D . -12.58 5.60 -9.90
O2 GOL D . -13.01 6.61 -10.78
C3 GOL D . -13.78 4.93 -9.23
O3 GOL D . -14.34 5.78 -8.25
H11 GOL D . -11.29 5.02 -11.52
H12 GOL D . -12.46 3.76 -11.04
HO1 GOL D . -10.35 3.26 -10.27
H2 GOL D . -11.94 6.03 -9.13
HO2 GOL D . -13.60 6.22 -11.47
H31 GOL D . -14.54 4.69 -9.98
H32 GOL D . -13.47 3.99 -8.77
HO3 GOL D . -14.61 5.24 -7.47
C ACT E . -5.79 -10.92 5.82
O ACT E . -4.77 -11.45 5.33
OXT ACT E . -5.60 -10.20 6.83
CH3 ACT E . -7.16 -11.13 5.23
H1 ACT E . -7.08 -11.78 4.37
H2 ACT E . -7.57 -10.17 4.94
H3 ACT E . -7.81 -11.59 5.99
C ACT F . -7.63 20.56 -11.82
O ACT F . -6.84 19.63 -12.11
OXT ACT F . -7.30 21.32 -10.87
CH3 ACT F . -8.92 20.75 -12.58
H1 ACT F . -9.46 21.61 -12.16
H2 ACT F . -9.54 19.86 -12.48
H3 ACT F . -8.71 20.94 -13.63
C ACT G . -10.31 -7.90 -9.01
O ACT G . -10.81 -9.00 -9.33
OXT ACT G . -9.06 -7.87 -8.98
CH3 ACT G . -11.15 -6.70 -8.69
H1 ACT G . -12.21 -6.96 -8.79
H2 ACT G . -10.92 -5.89 -9.39
H3 ACT G . -10.94 -6.37 -7.67
C ACT H . -23.68 19.61 4.15
O ACT H . -23.91 18.85 5.11
OXT ACT H . -23.30 20.78 4.47
CH3 ACT H . -23.84 19.19 2.73
H1 ACT H . -24.17 18.15 2.70
H2 ACT H . -22.88 19.28 2.21
H3 ACT H . -24.58 19.82 2.24
C ACT I . -18.28 -2.10 6.98
O ACT I . -18.81 -1.68 5.93
OXT ACT I . -18.41 -1.36 7.99
CH3 ACT I . -17.55 -3.39 7.05
H1 ACT I . -17.17 -3.56 8.06
H2 ACT I . -16.70 -3.37 6.35
H3 ACT I . -18.22 -4.21 6.77
#